data_4IOY
#
_entry.id   4IOY
#
_cell.length_a   133.978
_cell.length_b   133.978
_cell.length_c   40.342
_cell.angle_alpha   90.000
_cell.angle_beta   90.000
_cell.angle_gamma   120.000
#
_symmetry.space_group_name_H-M   'P 65'
#
loop_
_entity.id
_entity.type
_entity.pdbx_description
1 polymer 'FACT complex subunit SPT16'
2 non-polymer 'PHOSPHATE ION'
3 water water
#
_entity_poly.entity_id   1
_entity_poly.type   'polypeptide(L)'
_entity_poly.pdbx_seq_one_letter_code
;GIDPFTHMGRTKRLDQIFVRPNPDTKRVPSTVFIHENGIRFQSPLRTDSRIDILFSNIKNLIFQSCKGELIVVIHIHLKN
PILMGKKKIQDVQFYREASDMSVDETGRFRRYGDEDELEQEQEERRKRAALDKEFKYFADAIAEASNGLLTVENTFRDLG
FQGVPNRSAVFCMPTTDCLVQLIEPPFLVINLEEVEICILERVQFGLKNFDMVFVYKDFNKPVTHINTVPIESLDFLKQW
LTDMDIPYTVSTINLNWATIMKSLQDDPYQFFLDGGWNFLATGSD
;
_entity_poly.pdbx_strand_id   X
#
# COMPACT_ATOMS: atom_id res chain seq x y z
N THR A 11 7.76 -26.12 -8.09
CA THR A 11 7.10 -24.82 -8.26
C THR A 11 7.13 -24.00 -6.98
N LYS A 12 7.64 -22.77 -7.05
CA LYS A 12 7.65 -21.90 -5.86
C LYS A 12 6.23 -21.50 -5.51
N ARG A 13 5.90 -21.58 -4.22
CA ARG A 13 4.52 -21.37 -3.79
C ARG A 13 4.48 -20.76 -2.40
N LEU A 14 3.37 -20.10 -2.11
CA LEU A 14 3.13 -19.51 -0.80
C LEU A 14 1.80 -20.10 -0.34
N ASP A 15 1.84 -20.94 0.69
CA ASP A 15 0.66 -21.68 1.13
C ASP A 15 -0.07 -21.01 2.28
N GLN A 16 -1.33 -21.39 2.49
CA GLN A 16 -2.09 -20.98 3.66
C GLN A 16 -2.18 -19.46 3.81
N ILE A 17 -2.47 -18.79 2.71
CA ILE A 17 -2.68 -17.35 2.78
C ILE A 17 -4.12 -16.98 2.46
N PHE A 18 -4.44 -15.71 2.66
CA PHE A 18 -5.76 -15.21 2.32
C PHE A 18 -5.61 -14.07 1.33
N VAL A 19 -6.54 -13.98 0.39
CA VAL A 19 -6.46 -13.03 -0.70
C VAL A 19 -7.44 -11.88 -0.49
N ARG A 20 -6.98 -10.64 -0.72
CA ARG A 20 -7.85 -9.46 -0.72
C ARG A 20 -7.68 -8.71 -2.03
N PRO A 21 -8.69 -7.90 -2.43
CA PRO A 21 -9.95 -7.55 -1.75
C PRO A 21 -10.90 -8.71 -1.49
N ASN A 22 -11.51 -8.73 -0.31
CA ASN A 22 -12.57 -9.68 0.01
C ASN A 22 -13.53 -8.98 0.96
N PRO A 23 -14.57 -8.33 0.40
CA PRO A 23 -15.56 -7.54 1.16
C PRO A 23 -16.37 -8.32 2.19
N ASP A 24 -16.87 -9.50 1.82
CA ASP A 24 -17.82 -10.22 2.69
C ASP A 24 -17.95 -11.73 2.41
N THR A 25 -16.90 -12.37 1.90
CA THR A 25 -17.01 -13.81 1.68
C THR A 25 -16.22 -14.58 2.74
N LYS A 26 -16.85 -15.61 3.33
CA LYS A 26 -16.18 -16.48 4.31
C LYS A 26 -14.76 -16.83 3.86
N ARG A 27 -13.79 -16.64 4.75
CA ARG A 27 -12.37 -16.76 4.38
C ARG A 27 -11.96 -18.20 4.16
N VAL A 28 -11.16 -18.42 3.13
CA VAL A 28 -10.68 -19.77 2.78
C VAL A 28 -9.20 -19.69 2.40
N PRO A 29 -8.34 -20.43 3.13
CA PRO A 29 -6.89 -20.39 2.87
C PRO A 29 -6.59 -20.83 1.44
N SER A 30 -5.63 -20.20 0.80
CA SER A 30 -5.25 -20.67 -0.53
C SER A 30 -3.76 -20.54 -0.77
N THR A 31 -3.34 -20.95 -1.96
CA THR A 31 -1.92 -20.98 -2.31
C THR A 31 -1.66 -20.08 -3.50
N VAL A 32 -0.58 -19.32 -3.46
CA VAL A 32 -0.14 -18.57 -4.64
C VAL A 32 1.00 -19.35 -5.29
N PHE A 33 0.89 -19.60 -6.60
CA PHE A 33 1.92 -20.34 -7.34
C PHE A 33 2.63 -19.40 -8.31
N ILE A 34 3.95 -19.57 -8.44
CA ILE A 34 4.72 -18.76 -9.40
C ILE A 34 4.92 -19.57 -10.67
N HIS A 35 4.57 -19.00 -11.82
CA HIS A 35 4.83 -19.69 -13.08
C HIS A 35 5.74 -18.91 -13.99
N GLU A 36 5.87 -19.36 -15.23
CA GLU A 36 6.87 -18.78 -16.13
C GLU A 36 6.66 -17.29 -16.34
N ASN A 37 5.42 -16.88 -16.56
CA ASN A 37 5.16 -15.48 -16.92
C ASN A 37 4.35 -14.71 -15.89
N GLY A 38 3.98 -15.36 -14.80
CA GLY A 38 3.27 -14.63 -13.75
C GLY A 38 2.90 -15.51 -12.58
N ILE A 39 1.92 -15.06 -11.80
CA ILE A 39 1.47 -15.85 -10.66
C ILE A 39 0.03 -16.27 -10.86
N ARG A 40 -0.41 -17.27 -10.11
CA ARG A 40 -1.81 -17.70 -10.16
C ARG A 40 -2.26 -18.11 -8.77
N PHE A 41 -3.54 -17.86 -8.48
CA PHE A 41 -4.06 -18.08 -7.15
C PHE A 41 -5.58 -18.16 -7.24
N GLN A 42 -6.19 -18.60 -6.14
CA GLN A 42 -7.65 -18.78 -6.11
C GLN A 42 -8.30 -17.49 -5.67
N SER A 43 -9.34 -17.08 -6.39
CA SER A 43 -10.11 -15.91 -6.00
C SER A 43 -10.85 -16.26 -4.71
N PRO A 44 -10.95 -15.29 -3.79
CA PRO A 44 -11.66 -15.54 -2.53
C PRO A 44 -13.16 -15.66 -2.78
N LEU A 45 -13.60 -15.35 -4.00
CA LEU A 45 -15.00 -15.50 -4.37
C LEU A 45 -15.21 -16.79 -5.21
N ARG A 46 -15.96 -17.75 -4.66
CA ARG A 46 -15.89 -19.15 -5.12
C ARG A 46 -16.17 -19.42 -6.61
N THR A 47 -17.09 -18.65 -7.19
CA THR A 47 -17.55 -18.88 -8.57
C THR A 47 -16.59 -18.33 -9.63
N ASP A 48 -15.51 -17.71 -9.16
CA ASP A 48 -14.63 -16.91 -10.03
C ASP A 48 -13.71 -17.69 -10.99
N SER A 49 -13.21 -18.84 -10.54
CA SER A 49 -12.15 -19.60 -11.25
C SER A 49 -10.78 -18.92 -11.10
N ARG A 50 -9.71 -19.67 -11.32
CA ARG A 50 -8.32 -19.24 -11.07
C ARG A 50 -8.00 -17.85 -11.61
N ILE A 51 -7.31 -17.04 -10.82
CA ILE A 51 -6.84 -15.72 -11.27
C ILE A 51 -5.37 -15.78 -11.65
N ASP A 52 -5.02 -15.27 -12.84
CA ASP A 52 -3.62 -15.19 -13.28
C ASP A 52 -3.25 -13.73 -13.38
N ILE A 53 -2.09 -13.36 -12.83
CA ILE A 53 -1.53 -12.03 -13.00
C ILE A 53 -0.13 -12.13 -13.61
N LEU A 54 0.05 -11.52 -14.78
CA LEU A 54 1.35 -11.50 -15.47
C LEU A 54 2.31 -10.57 -14.75
N PHE A 55 3.59 -10.96 -14.66
CA PHE A 55 4.61 -10.06 -14.10
C PHE A 55 4.58 -8.70 -14.83
N SER A 56 4.34 -8.74 -16.13
CA SER A 56 4.35 -7.52 -16.93
C SER A 56 3.20 -6.58 -16.59
N ASN A 57 2.20 -7.09 -15.88
CA ASN A 57 1.10 -6.25 -15.41
C ASN A 57 1.25 -5.80 -13.96
N ILE A 58 2.39 -6.11 -13.32
CA ILE A 58 2.57 -5.68 -11.94
C ILE A 58 3.35 -4.35 -11.93
N LYS A 59 2.73 -3.29 -11.42
CA LYS A 59 3.46 -2.02 -11.35
C LYS A 59 4.31 -1.93 -10.08
N ASN A 60 3.76 -2.39 -8.96
CA ASN A 60 4.52 -2.44 -7.71
C ASN A 60 4.35 -3.77 -7.00
N LEU A 61 5.47 -4.31 -6.54
CA LEU A 61 5.47 -5.56 -5.77
C LEU A 61 5.95 -5.18 -4.37
N ILE A 62 5.06 -5.24 -3.39
CA ILE A 62 5.41 -4.67 -2.09
C ILE A 62 5.37 -5.72 -0.99
N PHE A 63 6.45 -5.78 -0.20
CA PHE A 63 6.47 -6.59 1.01
C PHE A 63 6.26 -5.68 2.21
N GLN A 64 5.22 -5.96 2.98
CA GLN A 64 4.97 -5.17 4.17
C GLN A 64 5.05 -6.06 5.40
N SER A 65 6.09 -5.84 6.20
CA SER A 65 6.30 -6.59 7.43
C SER A 65 5.10 -6.52 8.38
N CYS A 66 4.95 -7.55 9.21
CA CYS A 66 3.86 -7.54 10.19
C CYS A 66 4.18 -6.71 11.42
N LYS A 67 5.35 -6.06 11.44
CA LYS A 67 5.76 -5.25 12.58
C LYS A 67 4.75 -4.12 12.84
N GLY A 68 4.23 -4.06 14.06
CA GLY A 68 3.23 -3.07 14.41
C GLY A 68 1.84 -3.36 13.84
N GLU A 69 1.66 -4.52 13.20
CA GLU A 69 0.38 -4.84 12.55
C GLU A 69 -0.11 -6.21 12.95
N LEU A 70 -1.34 -6.55 12.58
CA LEU A 70 -1.91 -7.87 12.90
C LEU A 70 -1.69 -8.89 11.77
N ILE A 71 -1.20 -8.43 10.63
CA ILE A 71 -1.01 -9.31 9.47
C ILE A 71 0.33 -9.01 8.78
N VAL A 72 0.83 -9.98 8.02
CA VAL A 72 1.99 -9.74 7.15
C VAL A 72 1.42 -9.69 5.74
N VAL A 73 2.02 -8.91 4.85
CA VAL A 73 1.41 -8.64 3.55
C VAL A 73 2.39 -8.68 2.39
N ILE A 74 1.97 -9.32 1.30
CA ILE A 74 2.57 -9.05 -0.02
C ILE A 74 1.47 -8.36 -0.84
N HIS A 75 1.77 -7.19 -1.37
CA HIS A 75 0.71 -6.44 -2.04
C HIS A 75 1.12 -6.23 -3.48
N ILE A 76 0.16 -6.37 -4.40
CA ILE A 76 0.46 -6.17 -5.82
C ILE A 76 -0.40 -5.03 -6.37
N HIS A 77 0.25 -3.96 -6.82
CA HIS A 77 -0.49 -2.86 -7.46
C HIS A 77 -0.31 -3.04 -8.97
N LEU A 78 -1.44 -3.08 -9.69
CA LEU A 78 -1.43 -3.50 -11.10
C LEU A 78 -1.32 -2.29 -12.03
N LYS A 79 -0.74 -2.49 -13.22
CA LYS A 79 -0.78 -1.44 -14.24
C LYS A 79 -2.18 -1.34 -14.83
N ASN A 80 -2.71 -2.47 -15.30
CA ASN A 80 -4.06 -2.52 -15.86
C ASN A 80 -4.94 -3.32 -14.92
N PRO A 81 -6.17 -2.82 -14.66
CA PRO A 81 -7.11 -3.52 -13.77
C PRO A 81 -7.39 -4.96 -14.23
N ILE A 82 -7.65 -5.86 -13.29
CA ILE A 82 -8.01 -7.22 -13.64
C ILE A 82 -9.39 -7.50 -13.08
N LEU A 83 -10.05 -8.51 -13.63
CA LEU A 83 -11.36 -8.90 -13.15
C LEU A 83 -11.23 -9.87 -11.99
N MET A 84 -11.83 -9.53 -10.86
CA MET A 84 -11.90 -10.47 -9.75
C MET A 84 -13.14 -10.15 -8.95
N GLY A 85 -13.92 -11.18 -8.66
CA GLY A 85 -15.14 -11.00 -7.91
C GLY A 85 -16.11 -10.03 -8.55
N LYS A 86 -16.21 -10.13 -9.88
CA LYS A 86 -17.10 -9.31 -10.71
C LYS A 86 -16.76 -7.81 -10.75
N LYS A 87 -15.61 -7.45 -10.18
CA LYS A 87 -15.14 -6.07 -10.15
C LYS A 87 -13.79 -5.96 -10.86
N LYS A 88 -13.57 -4.88 -11.60
CA LYS A 88 -12.25 -4.57 -12.11
C LYS A 88 -11.44 -3.93 -11.00
N ILE A 89 -10.32 -4.55 -10.61
CA ILE A 89 -9.54 -4.06 -9.46
C ILE A 89 -8.08 -3.80 -9.84
N GLN A 90 -7.47 -2.83 -9.15
CA GLN A 90 -6.10 -2.41 -9.45
C GLN A 90 -5.11 -2.90 -8.39
N ASP A 91 -5.63 -3.55 -7.34
CA ASP A 91 -4.78 -3.99 -6.23
C ASP A 91 -5.25 -5.37 -5.74
N VAL A 92 -4.29 -6.27 -5.55
CA VAL A 92 -4.54 -7.60 -5.01
C VAL A 92 -3.49 -7.80 -3.91
N GLN A 93 -3.85 -8.49 -2.84
CA GLN A 93 -2.82 -8.76 -1.84
C GLN A 93 -2.98 -10.12 -1.21
N PHE A 94 -1.90 -10.65 -0.64
CA PHE A 94 -1.92 -11.92 0.06
C PHE A 94 -1.47 -11.62 1.47
N TYR A 95 -2.15 -12.18 2.46
CA TYR A 95 -1.75 -11.92 3.83
C TYR A 95 -1.92 -13.15 4.69
N ARG A 96 -1.25 -13.15 5.84
CA ARG A 96 -1.58 -14.12 6.89
C ARG A 96 -1.60 -13.36 8.20
N GLU A 97 -2.47 -13.77 9.12
CA GLU A 97 -2.52 -13.16 10.45
C GLU A 97 -1.34 -13.59 11.31
N ALA A 98 -0.82 -12.65 12.09
CA ALA A 98 0.30 -12.92 12.97
C ALA A 98 -0.12 -13.77 14.16
N SER A 99 -1.43 -13.78 14.44
CA SER A 99 -2.01 -14.66 15.46
C SER A 99 -3.54 -14.67 15.39
N GLU A 115 4.43 -21.14 27.05
CA GLU A 115 3.89 -21.64 28.31
C GLU A 115 3.63 -20.52 29.36
N ASP A 116 4.65 -20.08 30.11
CA ASP A 116 4.47 -18.87 30.96
C ASP A 116 4.39 -17.59 30.10
N GLU A 117 4.06 -16.46 30.72
CA GLU A 117 3.81 -15.24 29.95
C GLU A 117 5.02 -14.79 29.11
N LEU A 118 6.20 -14.79 29.72
CA LEU A 118 7.42 -14.47 29.00
C LEU A 118 7.63 -15.37 27.79
N GLU A 119 7.49 -16.69 27.98
CA GLU A 119 7.69 -17.62 26.87
C GLU A 119 6.65 -17.45 25.78
N GLN A 120 5.41 -17.16 26.16
CA GLN A 120 4.36 -16.87 25.17
C GLN A 120 4.75 -15.67 24.31
N GLU A 121 5.31 -14.64 24.93
CA GLU A 121 5.72 -13.46 24.17
C GLU A 121 6.94 -13.73 23.29
N GLN A 122 7.90 -14.50 23.79
CA GLN A 122 9.06 -14.84 22.97
C GLN A 122 8.64 -15.70 21.78
N GLU A 123 7.72 -16.64 22.01
CA GLU A 123 7.21 -17.47 20.90
C GLU A 123 6.50 -16.62 19.86
N GLU A 124 5.76 -15.61 20.30
CA GLU A 124 5.02 -14.76 19.37
C GLU A 124 6.01 -13.99 18.49
N ARG A 125 7.07 -13.47 19.11
CA ARG A 125 8.14 -12.79 18.35
C ARG A 125 8.77 -13.73 17.34
N ARG A 126 9.07 -14.94 17.76
CA ARG A 126 9.64 -15.95 16.88
C ARG A 126 8.73 -16.17 15.67
N LYS A 127 7.44 -16.36 15.92
CA LYS A 127 6.51 -16.65 14.83
C LYS A 127 6.39 -15.48 13.88
N ARG A 128 6.41 -14.26 14.43
CA ARG A 128 6.32 -13.05 13.60
C ARG A 128 7.57 -12.86 12.73
N ALA A 129 8.75 -13.14 13.28
CA ALA A 129 9.98 -13.11 12.46
C ALA A 129 9.93 -14.17 11.37
N ALA A 130 9.46 -15.37 11.70
CA ALA A 130 9.37 -16.45 10.72
C ALA A 130 8.40 -16.06 9.61
N LEU A 131 7.31 -15.40 10.00
CA LEU A 131 6.29 -14.96 9.03
C LEU A 131 6.84 -13.93 8.05
N ASP A 132 7.57 -12.93 8.55
CA ASP A 132 8.19 -11.94 7.67
C ASP A 132 9.19 -12.58 6.72
N LYS A 133 9.96 -13.54 7.22
CA LYS A 133 10.98 -14.19 6.41
C LYS A 133 10.35 -15.01 5.29
N GLU A 134 9.30 -15.76 5.63
CA GLU A 134 8.55 -16.55 4.64
C GLU A 134 7.97 -15.65 3.55
N PHE A 135 7.32 -14.57 3.94
CA PHE A 135 6.72 -13.66 2.98
C PHE A 135 7.77 -12.92 2.15
N LYS A 136 8.85 -12.46 2.79
CA LYS A 136 9.92 -11.77 2.04
C LYS A 136 10.57 -12.70 1.01
N TYR A 137 10.80 -13.96 1.38
CA TYR A 137 11.36 -14.94 0.44
C TYR A 137 10.47 -15.16 -0.77
N PHE A 138 9.15 -15.20 -0.55
CA PHE A 138 8.25 -15.42 -1.65
C PHE A 138 8.18 -14.20 -2.57
N ALA A 139 8.14 -13.01 -1.97
CA ALA A 139 8.20 -11.77 -2.77
C ALA A 139 9.48 -11.74 -3.59
N ASP A 140 10.60 -12.14 -2.98
CA ASP A 140 11.86 -12.22 -3.71
C ASP A 140 11.78 -13.23 -4.86
N ALA A 141 11.09 -14.34 -4.64
CA ALA A 141 10.97 -15.35 -5.70
C ALA A 141 10.13 -14.82 -6.86
N ILE A 142 9.12 -14.01 -6.57
CA ILE A 142 8.35 -13.38 -7.64
C ILE A 142 9.27 -12.46 -8.47
N ALA A 143 10.02 -11.57 -7.81
CA ALA A 143 10.94 -10.67 -8.52
C ALA A 143 11.95 -11.44 -9.37
N GLU A 144 12.50 -12.51 -8.81
CA GLU A 144 13.48 -13.33 -9.53
C GLU A 144 12.87 -13.93 -10.79
N ALA A 145 11.63 -14.43 -10.68
CA ALA A 145 10.99 -15.09 -11.81
C ALA A 145 10.62 -14.09 -12.90
N SER A 146 10.53 -12.82 -12.52
CA SER A 146 10.18 -11.76 -13.48
C SER A 146 11.35 -11.35 -14.37
N ASN A 147 12.54 -11.91 -14.11
CA ASN A 147 13.72 -11.65 -14.93
C ASN A 147 14.06 -10.18 -15.12
N GLY A 148 14.11 -9.41 -14.03
CA GLY A 148 14.52 -8.03 -14.09
C GLY A 148 13.38 -7.04 -14.02
N LEU A 149 12.19 -7.49 -14.39
CA LEU A 149 11.04 -6.60 -14.48
C LEU A 149 10.66 -6.00 -13.12
N LEU A 150 10.55 -6.84 -12.09
CA LEU A 150 10.07 -6.39 -10.79
C LEU A 150 11.17 -6.33 -9.74
N THR A 151 11.07 -5.34 -8.86
CA THR A 151 11.95 -5.20 -7.71
C THR A 151 11.03 -5.19 -6.50
N VAL A 152 11.40 -5.93 -5.45
CA VAL A 152 10.59 -5.92 -4.23
C VAL A 152 10.76 -4.59 -3.53
N GLU A 153 9.65 -3.92 -3.25
CA GLU A 153 9.70 -2.72 -2.42
C GLU A 153 9.31 -3.11 -1.02
N ASN A 154 10.01 -2.53 -0.03
CA ASN A 154 9.67 -2.77 1.37
C ASN A 154 9.14 -1.51 2.01
N THR A 155 8.05 -1.63 2.77
CA THR A 155 7.57 -0.51 3.56
C THR A 155 8.61 -0.16 4.65
N PHE A 156 8.78 1.13 4.94
CA PHE A 156 9.67 1.60 6.00
C PHE A 156 8.85 2.12 7.18
N ARG A 157 8.66 1.28 8.20
CA ARG A 157 7.84 1.62 9.36
C ARG A 157 8.34 2.87 10.07
N ASP A 158 9.67 3.02 10.12
CA ASP A 158 10.30 4.16 10.80
C ASP A 158 10.03 5.49 10.09
N LEU A 159 9.50 5.42 8.87
CA LEU A 159 9.23 6.61 8.10
C LEU A 159 7.72 6.82 7.98
N GLY A 160 6.97 5.96 8.65
CA GLY A 160 5.52 5.98 8.53
C GLY A 160 4.84 7.02 9.37
N PHE A 161 3.57 7.30 9.08
CA PHE A 161 2.85 8.31 9.83
C PHE A 161 1.37 8.02 9.87
N GLN A 162 0.71 8.59 10.87
CA GLN A 162 -0.71 8.39 11.07
C GLN A 162 -1.50 9.36 10.19
N GLY A 163 -2.56 8.87 9.56
CA GLY A 163 -3.42 9.75 8.79
C GLY A 163 -4.71 9.09 8.37
N VAL A 164 -5.60 9.88 7.76
CA VAL A 164 -6.93 9.41 7.38
C VAL A 164 -7.20 9.64 5.89
N PRO A 165 -6.97 8.60 5.06
CA PRO A 165 -7.33 8.69 3.64
C PRO A 165 -8.80 8.32 3.41
N ASN A 166 -9.35 7.46 4.26
CA ASN A 166 -10.71 6.96 4.10
C ASN A 166 -11.64 7.43 5.22
N ARG A 167 -11.71 6.65 6.30
CA ARG A 167 -12.53 7.00 7.46
C ARG A 167 -11.79 6.86 8.78
N SER A 168 -11.18 5.71 9.01
CA SER A 168 -10.43 5.48 10.25
C SER A 168 -9.02 6.08 10.20
N ALA A 169 -8.40 6.24 11.35
CA ALA A 169 -6.99 6.62 11.40
C ALA A 169 -6.15 5.38 11.17
N VAL A 170 -5.28 5.45 10.18
CA VAL A 170 -4.41 4.32 9.85
C VAL A 170 -2.96 4.78 9.73
N PHE A 171 -2.06 3.85 9.43
CA PHE A 171 -0.64 4.15 9.39
C PHE A 171 -0.12 4.06 7.97
N CYS A 172 0.22 5.20 7.38
CA CYS A 172 0.77 5.25 6.02
C CYS A 172 2.29 5.13 6.06
N MET A 173 2.85 4.35 5.13
CA MET A 173 4.29 4.09 5.06
C MET A 173 4.80 4.23 3.65
N PRO A 174 6.00 4.82 3.52
CA PRO A 174 6.65 4.84 2.20
C PRO A 174 7.47 3.58 1.95
N THR A 175 7.75 3.33 0.68
CA THR A 175 8.74 2.37 0.24
C THR A 175 9.77 3.23 -0.47
N THR A 176 10.68 2.63 -1.24
CA THR A 176 11.63 3.46 -1.99
C THR A 176 10.91 4.24 -3.08
N ASP A 177 9.81 3.68 -3.60
CA ASP A 177 9.14 4.26 -4.78
C ASP A 177 7.72 4.75 -4.53
N CYS A 178 7.12 4.37 -3.40
CA CYS A 178 5.70 4.64 -3.14
C CYS A 178 5.42 5.17 -1.75
N LEU A 179 4.21 5.71 -1.58
CA LEU A 179 3.60 5.92 -0.25
C LEU A 179 2.35 5.05 -0.27
N VAL A 180 2.22 4.17 0.72
CA VAL A 180 1.16 3.16 0.71
C VAL A 180 0.35 3.12 1.99
N GLN A 181 -0.87 2.61 1.88
CA GLN A 181 -1.65 2.22 3.05
C GLN A 181 -2.36 0.93 2.65
N LEU A 182 -1.99 -0.17 3.29
CA LEU A 182 -2.34 -1.49 2.78
C LEU A 182 -3.13 -2.34 3.77
N ILE A 183 -3.43 -1.79 4.93
CA ILE A 183 -4.16 -2.55 5.94
C ILE A 183 -5.67 -2.41 5.73
N GLU A 184 -6.13 -1.17 5.63
CA GLU A 184 -7.56 -0.88 5.54
C GLU A 184 -7.96 -0.55 4.10
N PRO A 185 -8.87 -1.35 3.52
CA PRO A 185 -9.35 -1.04 2.17
C PRO A 185 -10.27 0.18 2.19
N PRO A 186 -10.30 0.96 1.10
CA PRO A 186 -9.56 0.76 -0.16
C PRO A 186 -8.07 0.99 0.02
N PHE A 187 -7.28 0.11 -0.60
CA PHE A 187 -5.84 0.17 -0.45
C PHE A 187 -5.34 1.39 -1.22
N LEU A 188 -4.27 2.00 -0.73
CA LEU A 188 -3.74 3.20 -1.36
C LEU A 188 -2.30 2.94 -1.76
N VAL A 189 -2.01 3.15 -3.03
CA VAL A 189 -0.63 3.10 -3.51
C VAL A 189 -0.36 4.36 -4.34
N ILE A 190 0.54 5.21 -3.85
CA ILE A 190 0.94 6.40 -4.57
C ILE A 190 2.34 6.17 -5.09
N ASN A 191 2.50 6.18 -6.42
CA ASN A 191 3.83 6.13 -7.01
C ASN A 191 4.47 7.51 -7.03
N LEU A 192 5.57 7.68 -6.30
CA LEU A 192 6.09 9.02 -6.00
C LEU A 192 6.53 9.75 -7.27
N GLU A 193 6.96 8.98 -8.26
CA GLU A 193 7.43 9.50 -9.53
C GLU A 193 6.30 10.18 -10.30
N GLU A 194 5.06 9.85 -9.93
CA GLU A 194 3.87 10.34 -10.66
C GLU A 194 3.24 11.56 -9.99
N VAL A 195 3.77 11.95 -8.82
CA VAL A 195 3.24 13.10 -8.08
C VAL A 195 3.78 14.42 -8.61
N GLU A 196 2.86 15.36 -8.85
CA GLU A 196 3.23 16.69 -9.31
C GLU A 196 3.69 17.54 -8.15
N ILE A 197 2.87 17.56 -7.09
CA ILE A 197 3.12 18.38 -5.91
C ILE A 197 2.34 17.83 -4.73
N CYS A 198 2.80 18.12 -3.52
CA CYS A 198 2.07 17.82 -2.30
C CYS A 198 1.79 19.13 -1.59
N ILE A 199 0.52 19.46 -1.40
CA ILE A 199 0.18 20.68 -0.66
C ILE A 199 -0.15 20.27 0.76
N LEU A 200 0.45 20.96 1.72
CA LEU A 200 0.18 20.69 3.12
C LEU A 200 -0.84 21.73 3.57
N GLU A 201 -2.05 21.26 3.85
CA GLU A 201 -3.16 22.15 4.15
C GLU A 201 -3.39 22.28 5.65
N ARG A 202 -4.13 23.32 6.03
CA ARG A 202 -4.64 23.47 7.40
C ARG A 202 -3.54 23.43 8.44
N VAL A 203 -2.40 24.05 8.14
CA VAL A 203 -1.38 24.17 9.17
C VAL A 203 -1.44 25.57 9.79
N GLN A 204 -1.85 25.61 11.06
CA GLN A 204 -2.07 26.86 11.74
C GLN A 204 -1.38 26.88 13.09
N PHE A 205 -1.32 28.06 13.70
CA PHE A 205 -0.64 28.28 14.97
C PHE A 205 -1.01 27.23 16.02
N GLY A 206 -2.30 27.10 16.29
CA GLY A 206 -2.76 26.25 17.37
C GLY A 206 -2.88 24.77 17.05
N LEU A 207 -3.41 24.46 15.87
CA LEU A 207 -3.89 23.11 15.53
C LEU A 207 -2.93 21.96 15.87
N LYS A 208 -3.51 20.79 16.12
CA LYS A 208 -2.75 19.60 16.53
C LYS A 208 -2.60 18.59 15.39
N ASN A 209 -3.16 18.91 14.23
CA ASN A 209 -3.06 18.06 13.04
C ASN A 209 -3.32 18.86 11.79
N PHE A 210 -2.85 18.34 10.65
CA PHE A 210 -2.99 19.02 9.36
C PHE A 210 -3.42 18.02 8.28
N ASP A 211 -3.57 18.50 7.05
CA ASP A 211 -4.01 17.65 5.95
C ASP A 211 -3.03 17.69 4.79
N MET A 212 -2.87 16.57 4.10
CA MET A 212 -1.99 16.45 2.94
C MET A 212 -2.80 16.18 1.67
N VAL A 213 -2.43 16.85 0.59
CA VAL A 213 -3.03 16.59 -0.71
C VAL A 213 -1.97 16.23 -1.74
N PHE A 214 -2.07 15.03 -2.30
CA PHE A 214 -1.15 14.61 -3.37
C PHE A 214 -1.75 14.86 -4.75
N VAL A 215 -1.17 15.82 -5.47
CA VAL A 215 -1.55 16.13 -6.83
C VAL A 215 -0.69 15.33 -7.79
N TYR A 216 -1.33 14.62 -8.72
CA TYR A 216 -0.63 13.83 -9.71
C TYR A 216 -0.32 14.64 -10.97
N LYS A 217 0.71 14.20 -11.70
CA LYS A 217 1.11 14.89 -12.92
C LYS A 217 0.00 14.76 -13.96
N ASP A 218 -0.67 13.61 -13.96
CA ASP A 218 -1.93 13.47 -14.69
C ASP A 218 -3.00 14.25 -13.93
N PHE A 219 -3.41 15.37 -14.51
CA PHE A 219 -4.37 16.28 -13.87
C PHE A 219 -5.82 15.78 -13.94
N ASN A 220 -6.04 14.77 -14.78
CA ASN A 220 -7.30 14.05 -14.84
C ASN A 220 -7.44 13.05 -13.69
N LYS A 221 -6.32 12.67 -13.09
CA LYS A 221 -6.35 11.78 -11.94
C LYS A 221 -6.77 12.55 -10.68
N PRO A 222 -7.81 12.05 -9.99
CA PRO A 222 -8.31 12.67 -8.77
C PRO A 222 -7.21 12.76 -7.70
N VAL A 223 -7.07 13.92 -7.06
CA VAL A 223 -6.02 14.12 -6.05
C VAL A 223 -6.22 13.17 -4.87
N THR A 224 -5.16 12.89 -4.13
CA THR A 224 -5.26 12.00 -2.98
C THR A 224 -5.15 12.79 -1.67
N HIS A 225 -6.22 12.77 -0.88
CA HIS A 225 -6.23 13.41 0.42
C HIS A 225 -5.79 12.43 1.53
N ILE A 226 -4.83 12.84 2.35
CA ILE A 226 -4.55 12.13 3.60
C ILE A 226 -4.74 13.14 4.73
N ASN A 227 -5.86 13.00 5.45
CA ASN A 227 -6.26 14.01 6.41
C ASN A 227 -5.84 13.67 7.84
N THR A 228 -5.77 14.70 8.69
CA THR A 228 -5.57 14.54 10.13
C THR A 228 -4.22 13.88 10.49
N VAL A 229 -3.14 14.35 9.88
CA VAL A 229 -1.80 13.88 10.21
C VAL A 229 -1.28 14.65 11.43
N PRO A 230 -0.86 13.92 12.48
CA PRO A 230 -0.33 14.49 13.72
C PRO A 230 0.69 15.63 13.45
N ILE A 231 0.44 16.82 13.98
CA ILE A 231 1.29 17.98 13.70
C ILE A 231 2.77 17.70 14.00
N GLU A 232 3.01 16.75 14.91
CA GLU A 232 4.36 16.36 15.32
C GLU A 232 5.16 15.63 14.23
N SER A 233 4.50 15.30 13.12
CA SER A 233 5.16 14.62 12.01
C SER A 233 5.50 15.56 10.86
N LEU A 234 4.98 16.78 10.92
CA LEU A 234 5.07 17.75 9.81
C LEU A 234 6.49 18.01 9.29
N ASP A 235 7.44 18.20 10.21
CA ASP A 235 8.83 18.45 9.84
C ASP A 235 9.49 17.25 9.17
N PHE A 236 9.25 16.07 9.73
CA PHE A 236 9.77 14.84 9.18
C PHE A 236 9.27 14.60 7.75
N LEU A 237 7.99 14.90 7.51
CA LEU A 237 7.39 14.67 6.19
C LEU A 237 7.92 15.67 5.16
N LYS A 238 8.09 16.92 5.58
CA LYS A 238 8.70 17.96 4.75
C LYS A 238 10.03 17.48 4.18
N GLN A 239 10.90 16.97 5.06
CA GLN A 239 12.21 16.49 4.64
C GLN A 239 12.09 15.26 3.74
N TRP A 240 11.27 14.30 4.17
CA TRP A 240 11.03 13.10 3.36
C TRP A 240 10.58 13.46 1.95
N LEU A 241 9.58 14.33 1.86
CA LEU A 241 9.12 14.86 0.58
C LEU A 241 10.27 15.42 -0.23
N THR A 242 11.09 16.26 0.40
CA THR A 242 12.27 16.84 -0.23
C THR A 242 13.28 15.75 -0.63
N ASP A 243 13.48 14.76 0.24
CA ASP A 243 14.37 13.64 -0.07
C ASP A 243 13.87 12.83 -1.27
N MET A 244 12.57 12.91 -1.54
CA MET A 244 11.97 12.19 -2.65
C MET A 244 11.76 13.07 -3.89
N ASP A 245 12.36 14.25 -3.89
CA ASP A 245 12.24 15.20 -5.01
C ASP A 245 10.80 15.58 -5.34
N ILE A 246 9.98 15.68 -4.31
CA ILE A 246 8.59 16.08 -4.46
C ILE A 246 8.42 17.47 -3.87
N PRO A 247 8.03 18.44 -4.70
CA PRO A 247 7.86 19.82 -4.22
C PRO A 247 6.66 19.88 -3.29
N TYR A 248 6.70 20.78 -2.31
CA TYR A 248 5.54 21.00 -1.48
C TYR A 248 5.25 22.48 -1.32
N THR A 249 4.00 22.79 -1.02
CA THR A 249 3.59 24.14 -0.66
C THR A 249 2.75 24.03 0.60
N VAL A 250 2.96 24.97 1.51
CA VAL A 250 2.29 24.99 2.80
C VAL A 250 1.07 25.93 2.71
N SER A 251 -0.09 25.46 3.16
CA SER A 251 -1.29 26.30 3.21
C SER A 251 -1.94 26.33 4.59
N THR A 252 -2.41 27.50 5.01
CA THR A 252 -3.06 27.63 6.29
C THR A 252 -4.49 27.04 6.27
N ILE A 253 -5.10 26.99 5.08
CA ILE A 253 -6.47 26.50 4.94
C ILE A 253 -6.60 25.26 4.04
N ASN A 254 -7.76 24.61 4.09
CA ASN A 254 -8.11 23.58 3.10
C ASN A 254 -8.48 24.24 1.79
N LEU A 255 -7.81 23.86 0.70
CA LEU A 255 -8.06 24.47 -0.59
C LEU A 255 -9.26 23.81 -1.29
N ASN A 256 -9.53 24.23 -2.53
CA ASN A 256 -10.78 23.89 -3.22
C ASN A 256 -10.80 22.53 -3.93
N TRP A 257 -9.76 22.24 -4.70
CA TRP A 257 -9.58 20.96 -5.39
C TRP A 257 -10.58 20.63 -6.48
N ALA A 258 -11.87 20.65 -6.17
CA ALA A 258 -12.88 20.57 -7.21
C ALA A 258 -12.62 21.71 -8.20
N THR A 259 -12.60 22.93 -7.68
CA THR A 259 -12.27 24.12 -8.46
C THR A 259 -10.85 24.08 -9.04
N ILE A 260 -9.86 24.03 -8.15
CA ILE A 260 -8.43 24.06 -8.50
C ILE A 260 -8.03 23.14 -9.65
N MET A 261 -8.55 21.91 -9.63
CA MET A 261 -8.19 20.94 -10.65
C MET A 261 -8.85 21.24 -11.99
N LYS A 262 -10.12 21.62 -11.96
CA LYS A 262 -10.84 22.03 -13.17
C LYS A 262 -10.06 23.14 -13.90
N SER A 263 -9.42 24.02 -13.14
CA SER A 263 -8.49 25.01 -13.70
C SER A 263 -7.37 24.35 -14.51
N LEU A 264 -6.54 23.54 -13.84
CA LEU A 264 -5.39 22.88 -14.46
C LEU A 264 -5.78 21.97 -15.64
N GLN A 265 -6.99 21.43 -15.61
CA GLN A 265 -7.47 20.56 -16.68
C GLN A 265 -7.81 21.36 -17.94
N ASP A 266 -8.48 22.49 -17.76
CA ASP A 266 -8.83 23.35 -18.89
C ASP A 266 -7.59 24.06 -19.43
N ASP A 267 -7.11 25.08 -18.72
CA ASP A 267 -5.80 25.71 -19.04
C ASP A 267 -5.22 26.64 -17.96
N PRO A 268 -3.88 26.62 -17.82
CA PRO A 268 -3.09 27.60 -17.04
C PRO A 268 -2.89 28.92 -17.80
#